data_7NAM
#
_entry.id   7NAM
#
_cell.length_a   108.890
_cell.length_b   46.940
_cell.length_c   87.790
_cell.angle_alpha   90.000
_cell.angle_beta   124.340
_cell.angle_gamma   90.000
#
_symmetry.space_group_name_H-M   'C 1 2 1'
#
loop_
_entity.id
_entity.type
_entity.pdbx_description
1 polymer 'Low-density lipoprotein receptor-related protein 6'
2 polymer 'Trypsin inhibitor 2'
3 branched alpha-D-mannopyranose-(1-4)-2-acetamido-2-deoxy-beta-D-glucopyranose-(1-4)-[alpha-L-fucopyranose-(1-3)][alpha-L-fucopyranose-(1-6)]2-acetamido-2-deoxy-beta-D-glucopyranose
4 non-polymer 'SODIUM ION'
5 water water
#
loop_
_entity_poly.entity_id
_entity_poly.type
_entity_poly.pdbx_seq_one_letter_code
_entity_poly.pdbx_strand_id
1 'polypeptide(L)'
;GSAPLLLYANRRDLRLVDATNGKENATIVVGGLEDAAAVDFVFSHGLIYWSDVSEEAIKRTEFNKTESVQNVVVSGLLSP
DGLACDWLGEKLYWTDSETNRIEVSNLDGSLRKVLFWQELDQPRAIALDPSSGFMYWTDWGEVPKIERAGMDGSSRFIII
NSEIYWPNGLTLDYEEQKLYWADAKLNFIHKSNLDGTNRQAVVKGSLPHPFALTLFEDILYWTDWSTHSILACNKYTGEG
LREIHSDIFSPMDIHAFSQQRQPNATNPCGIDNGGCSHLCLMSPVKPFYQCACPTGVKLLENGKTCKDGNSHHHHHH
;
A
2 'polypeptide(L)' GCQSNHILKHNRCKQDSDCLAGCVCGPNGFCG B
#
loop_
_chem_comp.id
_chem_comp.type
_chem_comp.name
_chem_comp.formula
FUC L-saccharide, alpha linking alpha-L-fucopyranose 'C6 H12 O5'
MAN D-saccharide, alpha linking alpha-D-mannopyranose 'C6 H12 O6'
NA non-polymer 'SODIUM ION' 'Na 1'
NAG D-saccharide, beta linking 2-acetamido-2-deoxy-beta-D-glucopyranose 'C8 H15 N O6'
#
# COMPACT_ATOMS: atom_id res chain seq x y z
N SER A 2 7.36 -22.54 6.96
CA SER A 2 7.95 -21.54 6.08
C SER A 2 7.13 -20.26 6.02
N ALA A 3 6.15 -20.11 6.91
CA ALA A 3 5.43 -18.86 7.00
C ALA A 3 6.38 -17.71 7.35
N PRO A 4 6.04 -16.48 6.95
CA PRO A 4 6.97 -15.37 7.09
C PRO A 4 6.76 -14.54 8.36
N LEU A 5 7.65 -13.58 8.61
CA LEU A 5 7.32 -12.50 9.52
C LEU A 5 6.30 -11.61 8.82
N LEU A 6 5.37 -11.04 9.58
CA LEU A 6 4.39 -10.10 9.05
C LEU A 6 4.65 -8.75 9.68
N LEU A 7 4.85 -7.76 8.83
CA LEU A 7 5.05 -6.36 9.23
C LEU A 7 3.73 -5.61 9.11
N TYR A 8 3.29 -4.95 10.17
CA TYR A 8 2.02 -4.21 10.08
C TYR A 8 2.00 -2.92 10.84
N ALA A 9 1.26 -1.97 10.31
CA ALA A 9 1.05 -0.71 11.00
C ALA A 9 -0.11 -0.87 11.97
N ASN A 10 -0.05 -0.09 13.05
CA ASN A 10 -0.94 -0.26 14.19
C ASN A 10 -1.26 1.09 14.84
N ARG A 11 -1.25 2.13 14.00
CA ARG A 11 -1.48 3.53 14.37
C ARG A 11 -0.44 4.09 15.34
N ARG A 12 -0.28 3.49 16.52
CA ARG A 12 0.63 4.04 17.53
C ARG A 12 2.04 3.50 17.38
N ASP A 13 2.19 2.45 16.56
CA ASP A 13 3.48 1.82 16.34
C ASP A 13 3.42 0.94 15.09
N LEU A 14 4.58 0.43 14.70
CA LEU A 14 4.67 -0.61 13.69
C LEU A 14 5.12 -1.86 14.42
N ARG A 15 4.65 -3.02 13.95
CA ARG A 15 4.92 -4.29 14.61
C ARG A 15 5.39 -5.35 13.63
N LEU A 16 6.08 -6.35 14.18
CA LEU A 16 6.44 -7.56 13.46
C LEU A 16 5.92 -8.74 14.24
N VAL A 17 5.20 -9.64 13.56
CA VAL A 17 4.77 -10.90 14.16
C VAL A 17 5.19 -12.10 13.33
N ASP A 18 5.52 -13.19 14.02
CA ASP A 18 5.93 -14.42 13.36
C ASP A 18 4.69 -15.24 13.06
N ALA A 19 4.38 -15.38 11.78
CA ALA A 19 3.19 -16.11 11.36
C ALA A 19 3.18 -17.59 11.76
N THR A 20 4.33 -18.11 12.17
CA THR A 20 4.41 -19.48 12.71
C THR A 20 4.18 -19.53 14.23
N ASN A 21 4.35 -18.39 14.89
CA ASN A 21 4.08 -18.27 16.33
C ASN A 21 3.19 -17.06 16.58
N GLY A 22 2.04 -17.05 15.92
CA GLY A 22 1.16 -15.89 15.94
C GLY A 22 0.56 -15.60 17.31
N LYS A 23 0.47 -16.63 18.13
CA LYS A 23 -0.05 -16.48 19.49
C LYS A 23 0.87 -15.61 20.36
N GLU A 24 2.17 -15.63 20.06
CA GLU A 24 3.16 -14.89 20.83
C GLU A 24 3.06 -13.39 20.60
N ASN A 25 3.77 -12.61 21.42
CA ASN A 25 3.72 -11.16 21.35
C ASN A 25 4.46 -10.60 20.13
N ALA A 26 3.84 -9.63 19.47
CA ALA A 26 4.45 -8.95 18.36
C ALA A 26 5.52 -7.98 18.88
N THR A 27 6.65 -7.91 18.20
CA THR A 27 7.72 -6.99 18.60
C THR A 27 7.50 -5.62 17.96
N ILE A 28 7.78 -4.57 18.72
CA ILE A 28 7.66 -3.21 18.20
C ILE A 28 8.89 -2.82 17.40
N VAL A 29 8.65 -2.41 16.16
CA VAL A 29 9.70 -1.92 15.27
C VAL A 29 10.02 -0.46 15.57
N VAL A 30 9.00 0.40 15.52
CA VAL A 30 9.13 1.77 16.00
C VAL A 30 7.85 2.16 16.74
N GLY A 31 8.01 2.96 17.80
CA GLY A 31 6.88 3.44 18.58
C GLY A 31 6.71 4.96 18.59
N GLY A 32 5.72 5.43 19.34
CA GLY A 32 5.49 6.85 19.50
C GLY A 32 4.86 7.50 18.28
N LEU A 33 4.12 6.72 17.50
CA LEU A 33 3.44 7.20 16.31
C LEU A 33 2.02 7.64 16.65
N GLU A 34 1.35 8.35 15.76
CA GLU A 34 -0.01 8.82 16.04
C GLU A 34 -1.04 8.00 15.28
N ASP A 35 -1.04 8.11 13.96
CA ASP A 35 -1.92 7.28 13.14
C ASP A 35 -1.19 6.69 11.94
N ALA A 36 -0.15 5.91 12.25
CA ALA A 36 0.52 5.08 11.26
C ALA A 36 -0.48 4.18 10.56
N ALA A 37 -0.51 4.26 9.25
CA ALA A 37 -1.51 3.60 8.43
C ALA A 37 -0.88 2.67 7.38
N ALA A 38 -0.21 3.27 6.39
CA ALA A 38 0.49 2.55 5.32
C ALA A 38 1.87 2.12 5.81
N VAL A 39 2.35 0.99 5.26
CA VAL A 39 3.70 0.52 5.59
C VAL A 39 4.25 -0.26 4.41
N ASP A 40 5.56 -0.16 4.21
CA ASP A 40 6.23 -1.00 3.22
C ASP A 40 7.71 -1.00 3.58
N PHE A 41 8.52 -1.64 2.74
CA PHE A 41 9.93 -1.81 3.06
C PHE A 41 10.78 -1.86 1.81
N VAL A 42 12.10 -1.69 1.98
CA VAL A 42 13.07 -2.03 0.94
C VAL A 42 14.07 -2.93 1.62
N PHE A 43 13.87 -4.24 1.44
CA PHE A 43 14.57 -5.17 2.29
C PHE A 43 16.09 -5.10 2.13
N SER A 44 16.57 -5.02 0.89
CA SER A 44 18.00 -5.02 0.63
C SER A 44 18.71 -3.75 1.08
N HIS A 45 17.92 -2.68 1.33
CA HIS A 45 18.46 -1.41 1.85
C HIS A 45 18.29 -1.31 3.35
N GLY A 46 17.63 -2.31 3.94
CA GLY A 46 17.35 -2.30 5.35
C GLY A 46 16.44 -1.14 5.78
N LEU A 47 15.45 -0.84 4.96
CA LEU A 47 14.53 0.26 5.23
C LEU A 47 13.09 -0.18 5.41
N ILE A 48 12.42 0.39 6.42
CA ILE A 48 10.95 0.32 6.56
C ILE A 48 10.39 1.74 6.46
N TYR A 49 9.38 1.89 5.60
CA TYR A 49 8.64 3.14 5.41
C TYR A 49 7.22 3.08 6.03
N TRP A 50 6.66 4.21 6.44
CA TRP A 50 5.26 4.21 6.86
C TRP A 50 4.66 5.57 6.65
N SER A 51 3.34 5.60 6.54
CA SER A 51 2.63 6.88 6.54
C SER A 51 2.00 7.05 7.90
N ASP A 52 1.89 8.31 8.31
CA ASP A 52 1.18 8.66 9.53
C ASP A 52 0.20 9.73 9.12
N VAL A 53 -1.09 9.41 9.08
CA VAL A 53 -2.03 10.34 8.47
C VAL A 53 -2.34 11.53 9.37
N SER A 54 -2.01 11.44 10.64
CA SER A 54 -2.21 12.55 11.60
C SER A 54 -1.01 13.48 11.58
N GLU A 55 0.17 12.93 11.34
CA GLU A 55 1.40 13.75 11.24
C GLU A 55 1.63 14.18 9.79
N GLU A 56 0.72 13.76 8.90
CA GLU A 56 0.70 14.19 7.50
C GLU A 56 2.05 13.94 6.84
N ALA A 57 2.61 12.74 7.06
CA ALA A 57 3.96 12.45 6.60
C ALA A 57 4.17 11.00 6.25
N ILE A 58 5.20 10.78 5.44
CA ILE A 58 5.80 9.46 5.27
C ILE A 58 7.19 9.53 5.88
N LYS A 59 7.53 8.50 6.65
CA LYS A 59 8.79 8.43 7.38
C LYS A 59 9.46 7.11 7.12
N ARG A 60 10.74 7.03 7.46
CA ARG A 60 11.46 5.77 7.36
C ARG A 60 12.41 5.52 8.52
N THR A 61 12.78 4.25 8.66
CA THR A 61 13.70 3.81 9.69
C THR A 61 14.61 2.72 9.10
N GLU A 62 15.81 2.61 9.66
CA GLU A 62 16.81 1.63 9.23
C GLU A 62 16.78 0.44 10.18
N PHE A 63 16.18 -0.67 9.72
CA PHE A 63 15.88 -1.75 10.65
C PHE A 63 17.04 -2.71 10.92
N ASN A 64 18.16 -2.51 10.24
CA ASN A 64 19.36 -3.30 10.52
C ASN A 64 20.36 -2.52 11.38
N LYS A 65 20.02 -1.26 11.70
CA LYS A 65 20.85 -0.49 12.61
C LYS A 65 20.34 -0.68 14.05
N THR A 66 21.23 -0.50 15.02
CA THR A 66 20.85 -0.58 16.42
C THR A 66 19.95 0.59 16.81
N GLU A 67 20.37 1.80 16.46
CA GLU A 67 19.57 2.99 16.72
C GLU A 67 18.27 2.92 15.94
N SER A 68 17.17 3.21 16.62
CA SER A 68 15.84 3.11 16.03
C SER A 68 15.31 4.47 15.61
N VAL A 69 15.91 5.06 14.57
CA VAL A 69 15.65 6.44 14.20
C VAL A 69 14.50 6.61 13.19
N GLN A 70 13.68 7.65 13.40
CA GLN A 70 12.56 7.97 12.53
C GLN A 70 12.86 9.24 11.74
N ASN A 71 13.05 9.11 10.43
CA ASN A 71 13.38 10.25 9.57
C ASN A 71 12.21 10.61 8.66
N VAL A 72 11.82 11.88 8.64
CA VAL A 72 10.76 12.34 7.74
C VAL A 72 11.25 12.39 6.30
N VAL A 73 10.54 11.71 5.42
CA VAL A 73 10.90 11.63 4.02
C VAL A 73 10.08 12.61 3.16
N VAL A 74 8.78 12.63 3.47
CA VAL A 74 7.77 13.43 2.78
C VAL A 74 6.82 14.02 3.82
N SER A 75 6.59 15.33 3.74
CA SER A 75 5.69 16.01 4.67
C SER A 75 4.63 16.78 3.89
N GLY A 76 3.66 17.30 4.63
CA GLY A 76 2.53 18.00 4.03
C GLY A 76 1.55 17.13 3.26
N LEU A 77 1.45 15.85 3.63
CA LEU A 77 0.50 14.95 2.98
C LEU A 77 -0.79 14.92 3.76
N LEU A 78 -1.87 15.41 3.17
CA LEU A 78 -3.10 15.61 3.92
C LEU A 78 -3.78 14.30 4.36
N SER A 79 -3.72 13.26 3.54
CA SER A 79 -4.26 11.94 3.93
C SER A 79 -3.56 10.83 3.16
N PRO A 80 -2.33 10.50 3.53
CA PRO A 80 -1.55 9.47 2.82
C PRO A 80 -1.97 8.04 3.21
N ASP A 81 -3.06 7.59 2.61
CA ASP A 81 -3.71 6.35 3.03
C ASP A 81 -2.96 5.09 2.58
N GLY A 82 -2.18 5.20 1.51
CA GLY A 82 -1.43 4.07 0.97
C GLY A 82 -0.06 4.46 0.48
N LEU A 83 0.90 3.53 0.59
CA LEU A 83 2.20 3.70 -0.04
C LEU A 83 2.78 2.38 -0.46
N ALA A 84 3.66 2.46 -1.45
CA ALA A 84 4.44 1.31 -1.94
C ALA A 84 5.88 1.73 -2.26
N CYS A 85 6.82 0.84 -1.92
CA CYS A 85 8.24 1.01 -2.21
C CYS A 85 8.64 0.25 -3.45
N ASP A 86 9.15 0.99 -4.43
CA ASP A 86 9.72 0.39 -5.62
C ASP A 86 11.16 0.02 -5.27
N TRP A 87 11.36 -1.26 -4.92
CA TRP A 87 12.65 -1.77 -4.49
C TRP A 87 13.66 -1.94 -5.64
N LEU A 88 13.20 -1.75 -6.88
CA LEU A 88 14.04 -1.95 -8.05
C LEU A 88 14.50 -0.61 -8.61
N GLY A 89 13.57 0.31 -8.87
CA GLY A 89 13.94 1.62 -9.36
C GLY A 89 14.31 2.58 -8.24
N GLU A 90 14.11 2.15 -7.00
CA GLU A 90 14.41 2.97 -5.81
C GLU A 90 13.56 4.23 -5.82
N LYS A 91 12.27 4.01 -5.63
CA LYS A 91 11.27 5.07 -5.62
C LYS A 91 10.20 4.83 -4.56
N LEU A 92 9.52 5.90 -4.16
N LEU A 92 9.58 5.92 -4.10
CA LEU A 92 8.45 5.82 -3.18
CA LEU A 92 8.41 5.85 -3.24
C LEU A 92 7.16 6.31 -3.85
C LEU A 92 7.19 6.22 -4.05
N TYR A 93 6.11 5.47 -3.85
CA TYR A 93 4.79 5.82 -4.43
C TYR A 93 3.75 5.94 -3.31
N TRP A 94 2.82 6.87 -3.42
CA TRP A 94 1.76 6.94 -2.42
C TRP A 94 0.48 7.55 -2.98
N THR A 95 -0.64 7.25 -2.29
CA THR A 95 -1.93 7.79 -2.59
C THR A 95 -2.25 8.87 -1.57
N ASP A 96 -3.05 9.85 -1.95
CA ASP A 96 -3.53 10.83 -0.97
C ASP A 96 -4.99 11.03 -1.25
N SER A 97 -5.81 10.69 -0.28
CA SER A 97 -7.24 10.67 -0.50
C SER A 97 -7.92 12.01 -0.19
N GLU A 98 -7.12 13.03 0.17
CA GLU A 98 -7.69 14.37 0.39
C GLU A 98 -7.30 15.30 -0.77
N THR A 99 -6.06 15.21 -1.24
CA THR A 99 -5.66 15.98 -2.41
C THR A 99 -5.97 15.19 -3.68
N ASN A 100 -6.40 13.95 -3.53
CA ASN A 100 -6.84 13.13 -4.67
C ASN A 100 -5.77 12.96 -5.74
N ARG A 101 -4.66 12.37 -5.31
N ARG A 101 -4.63 12.41 -5.34
CA ARG A 101 -3.43 12.29 -6.09
CA ARG A 101 -3.55 12.21 -6.28
C ARG A 101 -2.69 10.97 -5.88
C ARG A 101 -2.63 11.06 -5.89
N ILE A 102 -1.90 10.60 -6.89
CA ILE A 102 -0.89 9.56 -6.73
C ILE A 102 0.43 10.22 -7.13
N GLU A 103 1.46 10.04 -6.31
N GLU A 103 1.46 10.06 -6.30
CA GLU A 103 2.70 10.79 -6.43
CA GLU A 103 2.71 10.80 -6.44
C GLU A 103 3.87 9.82 -6.30
C GLU A 103 3.89 9.87 -6.21
N VAL A 104 5.03 10.24 -6.77
CA VAL A 104 6.23 9.45 -6.66
C VAL A 104 7.39 10.36 -6.26
N SER A 105 8.38 9.78 -5.60
CA SER A 105 9.63 10.45 -5.26
C SER A 105 10.76 9.46 -5.16
N ASN A 106 11.98 9.97 -5.02
CA ASN A 106 13.09 9.11 -4.64
C ASN A 106 12.92 8.57 -3.22
N LEU A 107 13.74 7.59 -2.85
CA LEU A 107 13.64 7.00 -1.53
C LEU A 107 13.90 8.01 -0.40
N ASP A 108 14.60 9.12 -0.69
CA ASP A 108 14.85 10.14 0.34
C ASP A 108 13.83 11.27 0.31
N GLY A 109 12.83 11.12 -0.55
CA GLY A 109 11.76 12.10 -0.65
C GLY A 109 12.01 13.21 -1.66
N SER A 110 13.17 13.20 -2.30
CA SER A 110 13.51 14.22 -3.27
C SER A 110 12.86 13.98 -4.64
N LEU A 111 12.82 15.06 -5.41
CA LEU A 111 12.33 15.07 -6.78
C LEU A 111 10.87 14.62 -6.89
N ARG A 112 10.02 15.11 -6.00
CA ARG A 112 8.61 14.71 -6.01
C ARG A 112 7.93 15.05 -7.34
N LYS A 113 7.17 14.08 -7.81
CA LYS A 113 6.40 14.24 -9.04
C LYS A 113 4.97 13.73 -8.89
N VAL A 114 4.00 14.58 -9.17
N VAL A 114 3.99 14.58 -9.13
CA VAL A 114 2.62 14.13 -9.20
CA VAL A 114 2.61 14.08 -9.15
C VAL A 114 2.35 13.36 -10.50
C VAL A 114 2.39 13.35 -10.47
N LEU A 115 1.88 12.12 -10.37
CA LEU A 115 1.63 11.27 -11.53
C LEU A 115 0.20 11.31 -12.03
N PHE A 116 -0.76 11.26 -11.09
CA PHE A 116 -2.18 11.30 -11.43
C PHE A 116 -2.86 12.23 -10.45
N TRP A 117 -3.78 13.06 -10.93
CA TRP A 117 -4.47 14.00 -10.06
C TRP A 117 -5.93 14.19 -10.47
N GLN A 118 -6.38 13.40 -11.44
CA GLN A 118 -7.75 13.44 -11.97
C GLN A 118 -8.43 12.10 -11.76
N GLU A 119 -9.76 12.13 -11.63
CA GLU A 119 -10.58 10.93 -11.49
C GLU A 119 -10.20 10.05 -10.28
N LEU A 120 -9.80 10.70 -9.20
CA LEU A 120 -9.55 10.03 -7.94
C LEU A 120 -10.45 10.64 -6.87
N ASP A 121 -10.90 9.84 -5.93
CA ASP A 121 -11.88 10.27 -4.93
C ASP A 121 -11.48 9.74 -3.57
N GLN A 122 -11.41 8.41 -3.43
CA GLN A 122 -10.83 7.82 -2.23
C GLN A 122 -9.79 6.76 -2.61
N PRO A 123 -8.71 7.20 -3.25
CA PRO A 123 -7.61 6.28 -3.52
C PRO A 123 -7.08 5.71 -2.24
N ARG A 124 -6.60 4.45 -2.27
CA ARG A 124 -6.22 3.77 -1.03
C ARG A 124 -5.01 2.88 -1.30
N ALA A 125 -5.22 1.60 -1.58
CA ALA A 125 -4.07 0.68 -1.67
C ALA A 125 -3.31 0.87 -2.96
N ILE A 126 -2.02 0.55 -2.93
CA ILE A 126 -1.18 0.66 -4.09
C ILE A 126 -0.11 -0.44 -4.02
N ALA A 127 0.03 -1.16 -5.14
CA ALA A 127 0.99 -2.27 -5.23
C ALA A 127 1.74 -2.18 -6.54
N LEU A 128 2.99 -2.62 -6.48
CA LEU A 128 3.89 -2.48 -7.61
C LEU A 128 4.37 -3.82 -8.13
N ASP A 129 4.61 -3.87 -9.44
CA ASP A 129 5.29 -4.98 -10.09
C ASP A 129 6.49 -4.36 -10.82
N PRO A 130 7.57 -4.07 -10.07
CA PRO A 130 8.59 -3.24 -10.69
C PRO A 130 9.28 -3.83 -11.92
N SER A 131 9.50 -5.14 -11.95
N SER A 131 9.50 -5.14 -11.97
CA SER A 131 10.17 -5.78 -13.09
CA SER A 131 10.20 -5.75 -13.11
C SER A 131 9.35 -5.64 -14.36
C SER A 131 9.32 -5.80 -14.37
N SER A 132 8.03 -5.48 -14.21
CA SER A 132 7.11 -5.34 -15.35
C SER A 132 6.71 -3.88 -15.60
N GLY A 133 7.06 -3.00 -14.68
CA GLY A 133 6.82 -1.57 -14.83
C GLY A 133 5.38 -1.15 -14.66
N PHE A 134 4.58 -1.98 -13.99
CA PHE A 134 3.18 -1.65 -13.67
C PHE A 134 2.89 -1.36 -12.21
N MET A 135 2.05 -0.35 -11.99
N MET A 135 2.04 -0.37 -11.97
CA MET A 135 1.52 -0.05 -10.67
CA MET A 135 1.53 -0.13 -10.63
C MET A 135 0.01 -0.32 -10.69
C MET A 135 0.00 -0.22 -10.64
N TYR A 136 -0.54 -0.65 -9.51
CA TYR A 136 -1.95 -1.00 -9.35
C TYR A 136 -2.49 -0.23 -8.15
N TRP A 137 -3.72 0.29 -8.20
CA TRP A 137 -4.27 0.91 -6.99
C TRP A 137 -5.77 0.75 -6.92
N THR A 138 -6.32 0.99 -5.74
CA THR A 138 -7.75 0.99 -5.53
C THR A 138 -8.27 2.39 -5.20
N ASP A 139 -9.57 2.56 -5.43
CA ASP A 139 -10.30 3.77 -5.10
C ASP A 139 -11.67 3.33 -4.64
N TRP A 140 -12.02 3.63 -3.39
CA TRP A 140 -13.31 3.26 -2.81
C TRP A 140 -14.30 4.41 -2.76
N GLY A 141 -14.13 5.37 -3.67
CA GLY A 141 -14.93 6.56 -3.72
C GLY A 141 -16.23 6.38 -4.48
N GLU A 142 -16.76 7.47 -5.03
CA GLU A 142 -18.06 7.43 -5.70
C GLU A 142 -18.08 6.50 -6.91
N VAL A 143 -16.92 6.29 -7.53
CA VAL A 143 -16.79 5.30 -8.60
C VAL A 143 -15.73 4.30 -8.14
N PRO A 144 -16.16 3.27 -7.40
CA PRO A 144 -15.11 2.38 -6.90
C PRO A 144 -14.51 1.54 -8.00
N LYS A 145 -13.19 1.33 -7.88
CA LYS A 145 -12.44 0.73 -8.97
C LYS A 145 -11.06 0.27 -8.55
N ILE A 146 -10.52 -0.60 -9.38
CA ILE A 146 -9.11 -0.92 -9.37
C ILE A 146 -8.54 -0.51 -10.69
N GLU A 147 -7.37 0.14 -10.66
CA GLU A 147 -6.72 0.63 -11.86
C GLU A 147 -5.30 0.13 -11.92
N ARG A 148 -4.74 0.16 -13.13
CA ARG A 148 -3.32 0.01 -13.28
C ARG A 148 -2.79 1.00 -14.31
N ALA A 149 -1.51 1.32 -14.15
CA ALA A 149 -0.80 2.19 -15.05
C ALA A 149 0.68 1.82 -15.04
N GLY A 150 1.42 2.40 -15.98
CA GLY A 150 2.85 2.34 -15.94
C GLY A 150 3.32 3.03 -14.69
N MET A 151 4.42 2.54 -14.13
CA MET A 151 5.04 3.16 -12.99
C MET A 151 5.65 4.54 -13.38
N ASP A 152 5.56 4.86 -14.67
CA ASP A 152 6.00 6.15 -15.18
C ASP A 152 4.84 7.08 -15.44
N GLY A 153 3.64 6.65 -15.04
CA GLY A 153 2.46 7.46 -15.20
C GLY A 153 1.73 7.27 -16.53
N SER A 154 2.12 6.25 -17.30
CA SER A 154 1.56 6.03 -18.62
C SER A 154 0.41 5.01 -18.61
N SER A 155 -0.37 5.01 -19.69
CA SER A 155 -1.35 3.95 -19.96
C SER A 155 -2.25 3.58 -18.79
N ARG A 156 -2.81 4.59 -18.13
CA ARG A 156 -3.76 4.36 -17.06
C ARG A 156 -5.00 3.70 -17.59
N PHE A 157 -5.40 2.60 -16.96
N PHE A 157 -5.45 2.64 -16.91
CA PHE A 157 -6.61 1.90 -17.33
CA PHE A 157 -6.58 1.85 -17.35
C PHE A 157 -7.35 1.37 -16.11
C PHE A 157 -7.35 1.26 -16.17
N ILE A 158 -8.67 1.38 -16.18
CA ILE A 158 -9.50 0.73 -15.15
C ILE A 158 -9.55 -0.77 -15.45
N ILE A 159 -9.17 -1.61 -14.49
CA ILE A 159 -9.22 -3.05 -14.74
C ILE A 159 -10.34 -3.78 -13.98
N ILE A 160 -10.83 -3.21 -12.88
CA ILE A 160 -12.03 -3.73 -12.19
C ILE A 160 -12.97 -2.58 -11.85
N ASN A 161 -14.22 -2.65 -12.29
CA ASN A 161 -15.20 -1.65 -11.89
C ASN A 161 -16.62 -2.19 -11.69
N SER A 162 -16.75 -3.51 -11.58
CA SER A 162 -18.04 -4.15 -11.27
C SER A 162 -17.88 -4.96 -10.00
N GLU A 163 -18.98 -5.20 -9.30
CA GLU A 163 -18.97 -5.94 -8.03
C GLU A 163 -17.85 -5.46 -7.09
N ILE A 164 -17.92 -4.19 -6.71
CA ILE A 164 -16.86 -3.53 -5.98
C ILE A 164 -17.39 -2.30 -5.27
N TYR A 165 -16.96 -2.06 -4.04
CA TYR A 165 -17.52 -0.95 -3.27
C TYR A 165 -16.49 -0.37 -2.31
N TRP A 166 -15.93 -1.21 -1.44
CA TRP A 166 -14.80 -0.78 -0.57
C TRP A 166 -13.55 -1.62 -0.77
N PRO A 167 -12.91 -1.49 -1.94
CA PRO A 167 -11.68 -2.24 -2.22
C PRO A 167 -10.53 -1.68 -1.39
N ASN A 168 -10.28 -2.25 -0.21
CA ASN A 168 -9.24 -1.72 0.69
C ASN A 168 -7.88 -2.33 0.50
N GLY A 169 -7.86 -3.64 0.34
CA GLY A 169 -6.61 -4.38 0.27
C GLY A 169 -6.31 -4.81 -1.14
N LEU A 170 -5.02 -4.84 -1.46
CA LEU A 170 -4.55 -5.15 -2.80
C LEU A 170 -3.13 -5.69 -2.74
N THR A 171 -2.90 -6.86 -3.34
CA THR A 171 -1.54 -7.37 -3.44
C THR A 171 -1.32 -8.17 -4.73
N LEU A 172 -0.08 -8.55 -4.99
N LEU A 172 -0.07 -8.52 -4.99
CA LEU A 172 0.29 -9.29 -6.19
CA LEU A 172 0.32 -9.29 -6.18
C LEU A 172 0.98 -10.60 -5.82
C LEU A 172 0.91 -10.62 -5.77
N ASP A 173 0.69 -11.65 -6.60
CA ASP A 173 1.39 -12.92 -6.51
C ASP A 173 2.37 -12.92 -7.67
N TYR A 174 3.66 -12.74 -7.37
CA TYR A 174 4.66 -12.57 -8.41
C TYR A 174 5.04 -13.91 -9.05
N GLU A 175 4.80 -15.00 -8.33
CA GLU A 175 5.11 -16.34 -8.87
C GLU A 175 4.02 -16.78 -9.84
N GLU A 176 2.76 -16.46 -9.50
CA GLU A 176 1.61 -16.89 -10.31
C GLU A 176 1.09 -15.79 -11.23
N GLN A 177 1.63 -14.58 -11.09
CA GLN A 177 1.18 -13.43 -11.89
C GLN A 177 -0.32 -13.17 -11.75
N LYS A 178 -0.75 -12.99 -10.50
CA LYS A 178 -2.14 -12.74 -10.15
C LYS A 178 -2.28 -11.50 -9.29
N LEU A 179 -3.43 -10.84 -9.42
CA LEU A 179 -3.82 -9.74 -8.54
C LEU A 179 -4.83 -10.28 -7.53
N TYR A 180 -4.71 -9.88 -6.27
CA TYR A 180 -5.68 -10.22 -5.23
C TYR A 180 -6.18 -8.95 -4.54
N TRP A 181 -7.47 -8.89 -4.23
CA TRP A 181 -7.96 -7.76 -3.46
C TRP A 181 -9.06 -8.14 -2.49
N ALA A 182 -9.25 -7.28 -1.49
CA ALA A 182 -10.25 -7.49 -0.46
C ALA A 182 -11.22 -6.34 -0.44
N ASP A 183 -12.51 -6.67 -0.42
CA ASP A 183 -13.56 -5.66 -0.42
C ASP A 183 -14.28 -5.69 0.94
N ALA A 184 -14.16 -4.60 1.68
CA ALA A 184 -14.69 -4.55 3.05
C ALA A 184 -16.20 -4.34 3.15
N LYS A 185 -16.84 -3.94 2.05
CA LYS A 185 -18.30 -3.77 2.04
C LYS A 185 -18.99 -5.03 1.50
N LEU A 186 -18.37 -5.70 0.53
CA LEU A 186 -18.99 -6.90 -0.06
C LEU A 186 -18.44 -8.17 0.60
N ASN A 187 -17.45 -7.97 1.47
CA ASN A 187 -16.97 -8.99 2.41
C ASN A 187 -16.35 -10.21 1.75
N PHE A 188 -15.49 -9.99 0.77
CA PHE A 188 -14.81 -11.10 0.11
C PHE A 188 -13.39 -10.74 -0.28
N ILE A 189 -12.68 -11.78 -0.70
CA ILE A 189 -11.38 -11.65 -1.37
C ILE A 189 -11.53 -12.31 -2.74
N HIS A 190 -11.15 -11.57 -3.78
CA HIS A 190 -11.14 -12.08 -5.16
C HIS A 190 -9.74 -11.99 -5.74
N LYS A 191 -9.53 -12.72 -6.84
CA LYS A 191 -8.30 -12.62 -7.61
C LYS A 191 -8.64 -12.51 -9.10
N SER A 192 -7.68 -12.03 -9.88
CA SER A 192 -7.80 -12.00 -11.33
C SER A 192 -6.42 -12.05 -11.95
N ASN A 193 -6.37 -12.13 -13.27
CA ASN A 193 -5.14 -11.85 -13.99
C ASN A 193 -4.79 -10.39 -13.78
N LEU A 194 -3.62 -10.01 -14.24
CA LEU A 194 -3.13 -8.67 -13.95
C LEU A 194 -3.85 -7.61 -14.78
N ASP A 195 -4.55 -8.03 -15.83
CA ASP A 195 -5.37 -7.12 -16.61
C ASP A 195 -6.82 -7.17 -16.18
N GLY A 196 -7.08 -7.83 -15.05
CA GLY A 196 -8.44 -7.98 -14.55
C GLY A 196 -9.30 -9.12 -15.10
N THR A 197 -8.83 -9.87 -16.09
CA THR A 197 -9.62 -10.97 -16.67
C THR A 197 -9.57 -12.20 -15.79
N ASN A 198 -10.47 -13.15 -16.05
CA ASN A 198 -10.59 -14.40 -15.30
C ASN A 198 -10.69 -14.12 -13.79
N ARG A 199 -11.61 -13.25 -13.43
CA ARG A 199 -11.87 -12.95 -12.03
C ARG A 199 -12.43 -14.19 -11.33
N GLN A 200 -11.90 -14.52 -10.16
CA GLN A 200 -12.38 -15.67 -9.38
C GLN A 200 -12.53 -15.30 -7.93
N ALA A 201 -13.56 -15.84 -7.27
CA ALA A 201 -13.67 -15.67 -5.83
C ALA A 201 -12.68 -16.59 -5.12
N VAL A 202 -12.06 -16.10 -4.05
CA VAL A 202 -11.19 -16.93 -3.21
C VAL A 202 -11.87 -17.17 -1.85
N VAL A 203 -12.13 -16.09 -1.14
CA VAL A 203 -12.90 -16.13 0.10
C VAL A 203 -14.23 -15.46 -0.18
N LYS A 204 -15.30 -16.25 -0.20
CA LYS A 204 -16.56 -15.81 -0.81
C LYS A 204 -17.35 -14.82 0.03
N GLY A 205 -17.11 -14.80 1.33
CA GLY A 205 -17.96 -14.02 2.22
C GLY A 205 -17.52 -14.02 3.67
N SER A 206 -18.22 -13.22 4.49
CA SER A 206 -18.03 -13.23 5.94
C SER A 206 -16.69 -12.66 6.39
N LEU A 207 -16.18 -11.71 5.62
CA LEU A 207 -15.01 -10.91 6.02
C LEU A 207 -15.51 -9.54 6.43
N PRO A 208 -15.61 -9.29 7.74
CA PRO A 208 -16.47 -8.15 8.13
C PRO A 208 -15.90 -6.78 7.77
N HIS A 209 -14.59 -6.58 7.94
CA HIS A 209 -13.99 -5.31 7.49
C HIS A 209 -12.48 -5.41 7.22
N PRO A 210 -12.11 -6.13 6.16
CA PRO A 210 -10.68 -6.20 5.86
C PRO A 210 -10.10 -4.84 5.46
N PHE A 211 -8.87 -4.54 5.88
CA PHE A 211 -8.23 -3.30 5.47
C PHE A 211 -7.06 -3.50 4.52
N ALA A 212 -6.18 -4.47 4.80
CA ALA A 212 -5.01 -4.69 3.95
C ALA A 212 -4.73 -6.18 3.81
N LEU A 213 -4.11 -6.50 2.68
CA LEU A 213 -3.90 -7.86 2.25
C LEU A 213 -2.46 -8.05 1.73
N THR A 214 -1.86 -9.20 2.06
CA THR A 214 -0.54 -9.57 1.57
C THR A 214 -0.54 -11.09 1.32
N LEU A 215 0.59 -11.61 0.88
CA LEU A 215 0.66 -13.00 0.42
C LEU A 215 2.04 -13.56 0.65
N PHE A 216 2.13 -14.85 0.98
CA PHE A 216 3.43 -15.52 1.02
C PHE A 216 3.24 -16.98 0.74
N GLU A 217 3.94 -17.46 -0.28
CA GLU A 217 3.84 -18.86 -0.71
C GLU A 217 2.39 -19.15 -1.06
N ASP A 218 1.75 -20.12 -0.40
CA ASP A 218 0.36 -20.44 -0.74
C ASP A 218 -0.68 -19.80 0.20
N ILE A 219 -0.25 -18.86 1.04
CA ILE A 219 -1.12 -18.31 2.09
C ILE A 219 -1.36 -16.80 1.91
N LEU A 220 -2.63 -16.40 1.95
CA LEU A 220 -3.01 -14.99 2.07
C LEU A 220 -3.06 -14.58 3.52
N TYR A 221 -2.62 -13.36 3.82
CA TYR A 221 -2.76 -12.75 5.14
C TYR A 221 -3.43 -11.37 5.04
N TRP A 222 -4.34 -11.06 5.95
CA TRP A 222 -4.96 -9.73 5.93
C TRP A 222 -5.29 -9.24 7.33
N THR A 223 -5.42 -7.92 7.43
CA THR A 223 -5.88 -7.27 8.67
C THR A 223 -7.35 -6.98 8.53
N ASP A 224 -8.05 -7.03 9.66
CA ASP A 224 -9.48 -6.72 9.69
C ASP A 224 -9.78 -5.76 10.82
N TRP A 225 -10.40 -4.62 10.48
CA TRP A 225 -10.65 -3.55 11.45
C TRP A 225 -11.67 -3.90 12.51
N SER A 226 -12.62 -4.77 12.20
CA SER A 226 -13.64 -5.07 13.18
C SER A 226 -13.21 -6.25 14.08
N THR A 227 -12.42 -7.19 13.57
CA THR A 227 -11.93 -8.31 14.38
C THR A 227 -10.65 -7.94 15.15
N HIS A 228 -10.03 -6.82 14.79
CA HIS A 228 -8.77 -6.39 15.40
C HIS A 228 -7.76 -7.52 15.34
N SER A 229 -7.64 -8.14 14.19
CA SER A 229 -6.79 -9.31 14.07
C SER A 229 -6.22 -9.47 12.67
N ILE A 230 -5.26 -10.39 12.59
CA ILE A 230 -4.67 -10.86 11.35
C ILE A 230 -5.19 -12.26 11.05
N LEU A 231 -5.76 -12.44 9.86
CA LEU A 231 -6.29 -13.71 9.42
C LEU A 231 -5.45 -14.25 8.28
N ALA A 232 -5.58 -15.55 8.05
CA ALA A 232 -4.90 -16.23 6.97
C ALA A 232 -5.81 -17.28 6.32
N CYS A 233 -5.62 -17.53 5.02
CA CYS A 233 -6.30 -18.64 4.35
C CYS A 233 -5.49 -19.11 3.14
N ASN A 234 -5.86 -20.25 2.57
CA ASN A 234 -5.19 -20.74 1.36
C ASN A 234 -5.53 -19.86 0.16
N LYS A 235 -4.52 -19.50 -0.62
CA LYS A 235 -4.70 -18.51 -1.68
C LYS A 235 -5.41 -19.07 -2.91
N TYR A 236 -5.58 -20.39 -2.97
CA TYR A 236 -6.31 -21.01 -4.06
C TYR A 236 -7.77 -21.30 -3.69
N THR A 237 -7.97 -21.92 -2.53
CA THR A 237 -9.27 -22.43 -2.15
C THR A 237 -10.05 -21.51 -1.21
N GLY A 238 -9.35 -20.65 -0.48
CA GLY A 238 -9.98 -19.87 0.56
C GLY A 238 -10.24 -20.67 1.82
N GLU A 239 -9.74 -21.90 1.85
CA GLU A 239 -9.94 -22.75 3.01
C GLU A 239 -8.76 -22.64 3.98
N GLY A 240 -8.88 -23.32 5.11
CA GLY A 240 -7.89 -23.21 6.16
C GLY A 240 -7.96 -21.83 6.82
N LEU A 241 -9.10 -21.17 6.69
CA LEU A 241 -9.32 -19.85 7.27
C LEU A 241 -9.00 -19.90 8.77
N ARG A 242 -8.13 -19.00 9.23
CA ARG A 242 -7.74 -19.01 10.64
C ARG A 242 -7.19 -17.67 11.10
N GLU A 243 -7.15 -17.50 12.41
CA GLU A 243 -6.74 -16.25 13.04
C GLU A 243 -5.30 -16.36 13.52
N ILE A 244 -4.41 -15.63 12.85
CA ILE A 244 -2.98 -15.67 13.13
C ILE A 244 -2.63 -14.95 14.42
N HIS A 245 -3.17 -13.75 14.60
CA HIS A 245 -2.74 -12.88 15.69
C HIS A 245 -3.91 -11.95 16.04
N SER A 246 -4.20 -11.80 17.32
CA SER A 246 -5.42 -11.12 17.76
C SER A 246 -5.19 -10.08 18.85
N ASP A 247 -6.27 -9.39 19.23
CA ASP A 247 -6.22 -8.30 20.21
C ASP A 247 -5.26 -7.18 19.82
N ILE A 248 -5.24 -6.87 18.54
CA ILE A 248 -4.40 -5.81 18.01
C ILE A 248 -5.10 -4.49 18.23
N PHE A 249 -4.35 -3.49 18.70
CA PHE A 249 -4.91 -2.19 19.02
C PHE A 249 -5.73 -1.62 17.87
N SER A 250 -5.10 -1.48 16.70
CA SER A 250 -5.79 -0.97 15.52
C SER A 250 -5.00 -1.35 14.27
N PRO A 251 -5.18 -2.59 13.80
CA PRO A 251 -4.34 -3.05 12.69
C PRO A 251 -4.61 -2.30 11.40
N MET A 252 -3.57 -2.02 10.62
CA MET A 252 -3.69 -1.23 9.40
C MET A 252 -2.99 -1.97 8.23
N ASP A 253 -2.05 -1.34 7.55
CA ASP A 253 -1.43 -1.97 6.39
C ASP A 253 -0.55 -3.15 6.83
N ILE A 254 -0.33 -4.10 5.95
CA ILE A 254 0.45 -5.30 6.28
C ILE A 254 1.22 -5.85 5.07
N HIS A 255 2.42 -6.38 5.34
CA HIS A 255 3.25 -7.10 4.37
C HIS A 255 3.86 -8.36 4.94
N ALA A 256 3.98 -9.38 4.11
CA ALA A 256 4.97 -10.42 4.36
C ALA A 256 6.38 -9.83 4.25
N PHE A 257 7.12 -9.84 5.37
CA PHE A 257 8.41 -9.15 5.49
C PHE A 257 9.52 -10.12 5.16
N SER A 258 9.93 -10.12 3.89
CA SER A 258 10.86 -11.11 3.38
C SER A 258 11.56 -10.61 2.11
N GLN A 259 12.83 -10.93 1.94
CA GLN A 259 13.54 -10.56 0.71
C GLN A 259 12.89 -11.26 -0.48
N GLN A 260 12.28 -12.41 -0.22
CA GLN A 260 11.72 -13.22 -1.29
C GLN A 260 10.48 -12.56 -1.92
N ARG A 261 9.91 -11.58 -1.21
CA ARG A 261 8.78 -10.80 -1.71
C ARG A 261 9.23 -9.57 -2.49
N GLN A 262 10.54 -9.39 -2.60
CA GLN A 262 11.13 -8.35 -3.42
C GLN A 262 12.24 -8.97 -4.25
N PRO A 263 11.84 -9.84 -5.19
CA PRO A 263 12.80 -10.61 -5.98
C PRO A 263 13.78 -9.74 -6.76
N ASN A 264 15.04 -10.13 -6.70
CA ASN A 264 16.11 -9.47 -7.46
C ASN A 264 15.88 -9.50 -8.97
N ALA A 265 16.07 -8.34 -9.58
CA ALA A 265 16.06 -8.18 -11.01
C ALA A 265 17.01 -7.04 -11.38
N THR A 266 17.33 -6.98 -12.67
CA THR A 266 18.12 -5.89 -13.26
C THR A 266 17.31 -4.61 -13.33
N ASN A 267 17.84 -3.49 -12.80
CA ASN A 267 17.21 -2.19 -13.01
C ASN A 267 17.52 -1.74 -14.43
N PRO A 268 16.48 -1.56 -15.28
CA PRO A 268 16.72 -1.16 -16.68
C PRO A 268 17.40 0.20 -16.83
N CYS A 269 17.41 0.99 -15.75
CA CYS A 269 18.13 2.26 -15.72
C CYS A 269 19.64 2.02 -15.71
N GLY A 270 20.05 0.79 -15.45
CA GLY A 270 21.46 0.46 -15.38
C GLY A 270 22.18 1.18 -14.24
N ILE A 271 23.41 1.58 -14.52
CA ILE A 271 24.31 2.19 -13.52
C ILE A 271 24.37 3.72 -13.65
N ASP A 272 23.72 4.27 -14.67
CA ASP A 272 23.79 5.70 -14.94
C ASP A 272 22.42 6.34 -14.94
N ASN A 273 21.50 5.78 -14.17
CA ASN A 273 20.19 6.38 -13.99
C ASN A 273 19.47 6.54 -15.34
N GLY A 274 19.79 5.66 -16.29
CA GLY A 274 19.16 5.68 -17.60
C GLY A 274 19.49 6.90 -18.43
N GLY A 275 20.52 7.64 -18.01
CA GLY A 275 20.88 8.90 -18.62
C GLY A 275 19.92 10.00 -18.26
N CYS A 276 19.01 9.72 -17.33
CA CYS A 276 18.05 10.72 -16.86
C CYS A 276 18.70 11.71 -15.90
N SER A 277 18.44 13.00 -16.10
CA SER A 277 18.98 14.02 -15.22
C SER A 277 18.39 13.91 -13.81
N HIS A 278 17.12 13.52 -13.73
CA HIS A 278 16.39 13.49 -12.46
C HIS A 278 15.81 12.10 -12.13
N LEU A 279 14.52 11.90 -12.37
CA LEU A 279 13.89 10.60 -12.07
C LEU A 279 14.07 9.59 -13.21
N CYS A 280 14.43 8.36 -12.86
CA CYS A 280 14.43 7.26 -13.81
C CYS A 280 13.42 6.23 -13.32
N LEU A 281 12.22 6.28 -13.88
CA LEU A 281 11.09 5.48 -13.42
C LEU A 281 10.92 4.21 -14.24
N MET A 282 10.41 3.16 -13.62
CA MET A 282 10.13 1.92 -14.33
C MET A 282 9.00 2.14 -15.30
N SER A 283 9.04 1.43 -16.42
CA SER A 283 8.05 1.57 -17.48
C SER A 283 7.69 0.24 -18.13
N PRO A 284 6.44 0.08 -18.55
CA PRO A 284 6.01 -1.24 -19.04
C PRO A 284 6.37 -1.50 -20.50
N VAL A 285 6.95 -0.53 -21.19
CA VAL A 285 7.40 -0.73 -22.58
C VAL A 285 8.89 -0.49 -22.73
N LYS A 286 9.50 -1.16 -23.69
CA LYS A 286 10.93 -1.06 -23.95
C LYS A 286 11.33 0.41 -24.15
N PRO A 287 12.48 0.81 -23.59
CA PRO A 287 13.51 0.04 -22.88
C PRO A 287 13.23 -0.17 -21.38
N PHE A 288 11.98 0.03 -20.96
CA PHE A 288 11.46 -0.38 -19.66
C PHE A 288 11.85 0.59 -18.53
N TYR A 289 12.43 1.73 -18.92
CA TYR A 289 12.51 2.88 -18.04
C TYR A 289 12.07 4.10 -18.82
N GLN A 290 11.71 5.13 -18.07
CA GLN A 290 11.30 6.41 -18.63
C GLN A 290 11.83 7.51 -17.74
N CYS A 291 12.53 8.47 -18.32
CA CYS A 291 12.97 9.62 -17.54
C CYS A 291 11.80 10.54 -17.23
N ALA A 292 11.91 11.19 -16.08
CA ALA A 292 10.87 12.08 -15.61
C ALA A 292 11.46 13.20 -14.77
N CYS A 293 10.64 14.22 -14.53
CA CYS A 293 11.07 15.42 -13.80
C CYS A 293 10.12 15.71 -12.66
N PRO A 294 10.58 16.49 -11.66
CA PRO A 294 9.68 16.91 -10.60
C PRO A 294 8.45 17.67 -11.13
N THR A 295 7.43 17.77 -10.29
CA THR A 295 6.17 18.42 -10.66
C THR A 295 6.44 19.75 -11.34
N GLY A 296 5.79 19.95 -12.49
CA GLY A 296 5.81 21.24 -13.17
C GLY A 296 7.06 21.50 -14.01
N VAL A 297 8.03 20.61 -13.93
CA VAL A 297 9.33 20.78 -14.60
C VAL A 297 9.32 20.05 -15.95
N LYS A 298 9.78 20.77 -16.97
CA LYS A 298 9.74 20.30 -18.35
C LYS A 298 10.83 19.30 -18.70
N LEU A 299 10.45 18.21 -19.36
CA LEU A 299 11.40 17.25 -19.95
C LEU A 299 11.71 17.66 -21.38
N LEU A 300 12.99 17.86 -21.69
CA LEU A 300 13.40 18.25 -23.02
C LEU A 300 13.12 17.14 -24.04
N GLU A 301 13.24 17.47 -25.32
CA GLU A 301 12.86 16.54 -26.39
C GLU A 301 13.73 15.30 -26.45
N ASN A 302 14.94 15.37 -25.91
CA ASN A 302 15.80 14.20 -25.90
C ASN A 302 15.29 13.10 -24.97
N GLY A 303 14.30 13.42 -24.13
CA GLY A 303 13.66 12.45 -23.26
C GLY A 303 14.49 12.02 -22.07
N LYS A 304 15.54 12.77 -21.77
CA LYS A 304 16.47 12.44 -20.70
C LYS A 304 16.58 13.59 -19.71
N THR A 305 16.75 14.80 -20.25
CA THR A 305 17.13 15.96 -19.45
C THR A 305 15.96 16.85 -19.06
N CYS A 306 15.89 17.23 -17.78
CA CYS A 306 14.92 18.24 -17.33
C CYS A 306 15.48 19.65 -17.41
N LYS A 307 14.58 20.62 -17.56
CA LYS A 307 14.93 22.02 -17.48
C LYS A 307 15.15 22.45 -16.02
N ASP A 308 16.40 22.62 -15.61
CA ASP A 308 16.69 23.18 -14.29
C ASP A 308 16.28 24.65 -14.23
N GLY B 1 -22.60 0.05 9.03
CA GLY B 1 -22.38 -0.06 10.46
C GLY B 1 -21.70 1.19 10.99
N CYS B 2 -21.45 1.22 12.30
CA CYS B 2 -20.78 2.36 12.92
C CYS B 2 -19.32 2.40 12.52
N GLN B 3 -18.83 1.30 11.96
CA GLN B 3 -17.44 1.24 11.53
C GLN B 3 -17.29 2.06 10.26
N SER B 4 -16.56 3.15 10.36
CA SER B 4 -16.27 3.97 9.20
C SER B 4 -15.21 3.28 8.35
N ASN B 5 -15.19 3.55 7.04
CA ASN B 5 -14.06 3.10 6.23
C ASN B 5 -12.98 4.17 6.09
N HIS B 6 -13.19 5.37 6.66
CA HIS B 6 -12.14 6.40 6.67
C HIS B 6 -11.13 6.06 7.76
N ILE B 7 -9.87 6.46 7.57
CA ILE B 7 -8.85 6.22 8.57
C ILE B 7 -9.06 7.11 9.80
N LEU B 8 -9.51 8.34 9.59
CA LEU B 8 -9.74 9.28 10.70
C LEU B 8 -11.20 9.66 10.83
N LYS B 9 -11.80 10.18 9.77
CA LYS B 9 -13.16 10.73 9.83
C LYS B 9 -14.16 9.67 10.30
N HIS B 10 -14.93 9.99 11.34
CA HIS B 10 -15.96 9.08 11.89
C HIS B 10 -15.35 7.79 12.41
N ASN B 11 -14.05 7.79 12.66
CA ASN B 11 -13.32 6.60 13.11
C ASN B 11 -12.63 6.91 14.43
N ARG B 12 -11.60 7.74 14.38
CA ARG B 12 -11.08 8.36 15.59
C ARG B 12 -12.16 9.27 16.17
N CYS B 13 -12.22 9.40 17.49
CA CYS B 13 -13.20 10.28 18.12
C CYS B 13 -12.85 10.75 19.52
N LYS B 14 -13.49 11.86 19.93
CA LYS B 14 -13.38 12.39 21.29
C LYS B 14 -14.75 12.38 21.99
N GLN B 15 -15.80 12.77 21.26
CA GLN B 15 -17.18 12.77 21.77
C GLN B 15 -18.07 12.00 20.78
N ASP B 16 -19.28 11.63 21.20
CA ASP B 16 -20.15 10.85 20.32
C ASP B 16 -20.44 11.58 19.02
N SER B 17 -20.28 12.91 19.05
CA SER B 17 -20.62 13.74 17.89
C SER B 17 -19.65 13.58 16.73
N ASP B 18 -18.43 13.09 17.02
CA ASP B 18 -17.44 12.83 15.97
C ASP B 18 -17.80 11.59 15.17
N CYS B 19 -18.78 10.85 15.66
CA CYS B 19 -19.18 9.59 15.04
C CYS B 19 -20.40 9.79 14.16
N LEU B 20 -20.67 8.83 13.29
CA LEU B 20 -21.90 8.82 12.51
C LEU B 20 -23.10 8.85 13.45
N ALA B 21 -24.21 9.39 12.98
CA ALA B 21 -25.41 9.52 13.80
C ALA B 21 -25.82 8.17 14.39
N GLY B 22 -26.09 8.16 15.69
CA GLY B 22 -26.50 6.95 16.37
C GLY B 22 -25.36 6.03 16.77
N CYS B 23 -24.13 6.48 16.54
CA CYS B 23 -22.95 5.75 16.96
C CYS B 23 -22.28 6.44 18.13
N VAL B 24 -21.44 5.70 18.85
CA VAL B 24 -20.89 6.16 20.10
C VAL B 24 -19.37 6.16 20.03
N CYS B 25 -18.75 7.10 20.74
CA CYS B 25 -17.30 7.12 20.87
C CYS B 25 -16.88 6.21 22.03
N GLY B 26 -16.30 5.07 21.67
CA GLY B 26 -15.93 4.06 22.64
C GLY B 26 -14.73 4.44 23.49
N PRO B 27 -14.48 3.65 24.54
CA PRO B 27 -13.48 3.97 25.58
C PRO B 27 -12.05 3.94 25.03
N ASN B 28 -11.86 3.31 23.87
CA ASN B 28 -10.54 3.26 23.24
C ASN B 28 -10.31 4.47 22.32
N GLY B 29 -11.31 5.34 22.23
CA GLY B 29 -11.20 6.51 21.36
C GLY B 29 -11.59 6.28 19.91
N PHE B 30 -12.38 5.23 19.65
CA PHE B 30 -12.89 4.96 18.31
C PHE B 30 -14.41 4.80 18.29
N CYS B 31 -15.03 5.19 17.20
CA CYS B 31 -16.48 5.09 17.05
C CYS B 31 -16.91 3.64 16.95
N GLY B 32 -18.09 3.32 17.47
CA GLY B 32 -18.55 1.95 17.45
C GLY B 32 -19.98 1.77 17.88
C1 NAG C . 18.56 -7.34 8.57
C2 NAG C . 19.68 -8.37 8.77
C3 NAG C . 19.19 -9.77 8.39
C4 NAG C . 17.88 -10.08 9.13
C5 NAG C . 16.87 -8.99 8.81
C6 NAG C . 15.54 -9.20 9.50
C7 NAG C . 21.94 -7.41 8.51
C8 NAG C . 23.02 -7.06 7.55
N2 NAG C . 20.86 -8.01 7.98
O3 NAG C . 20.17 -10.75 8.73
O4 NAG C . 17.37 -11.35 8.71
O5 NAG C . 17.41 -7.74 9.29
O6 NAG C . 15.70 -9.35 10.91
O7 NAG C . 22.01 -7.17 9.72
H1 NAG C . 18.35 -7.29 7.61
H2 NAG C . 19.93 -8.38 9.71
H3 NAG C . 19.03 -9.81 7.43
H4 NAG C . 18.06 -10.10 10.08
H5 NAG C . 16.74 -8.93 7.85
H61 NAG C . 15.13 -10.00 9.14
H62 NAG C . 14.97 -8.43 9.32
H81 NAG C . 23.73 -6.60 8.03
H82 NAG C . 22.66 -6.47 6.85
H83 NAG C . 23.38 -7.87 7.15
HN2 NAG C . 20.83 -8.15 7.08
C1 NAG C . 16.93 -12.14 9.90
C2 NAG C . 16.19 -13.23 9.11
C3 NAG C . 16.01 -14.49 9.96
C4 NAG C . 17.33 -14.92 10.58
C5 NAG C . 17.96 -13.75 11.32
C6 NAG C . 19.31 -14.08 11.92
C7 NAG C . 14.57 -12.58 7.38
C8 NAG C . 13.16 -12.08 7.12
N2 NAG C . 14.89 -12.75 8.67
O3 NAG C . 15.51 -15.54 9.14
O4 NAG C . 17.11 -16.00 11.48
O5 NAG C . 18.16 -12.67 10.42
O6 NAG C . 19.87 -12.96 12.59
O7 NAG C . 15.35 -12.80 6.46
H1 NAG C . 16.37 -11.84 10.64
H2 NAG C . 16.73 -13.47 8.33
H3 NAG C . 15.37 -14.31 10.67
H4 NAG C . 17.94 -15.21 9.87
H5 NAG C . 17.36 -13.47 12.04
H61 NAG C . 19.91 -14.36 11.20
H62 NAG C . 19.21 -14.82 12.55
H81 NAG C . 13.05 -11.95 6.16
H82 NAG C . 13.03 -11.23 7.58
H83 NAG C . 12.53 -12.74 7.45
HN2 NAG C . 14.26 -12.56 9.29
HO3 NAG C . 14.66 -15.70 9.36
HO6 NAG C . 20.29 -12.45 12.00
C1 MAN C . 17.75 -17.32 11.49
C2 MAN C . 17.75 -18.13 10.18
C3 MAN C . 17.39 -19.58 10.48
C4 MAN C . 18.30 -20.16 11.58
C5 MAN C . 18.18 -19.33 12.88
C6 MAN C . 19.53 -18.97 13.51
O2 MAN C . 19.07 -18.16 9.57
O3 MAN C . 17.43 -20.41 9.31
O4 MAN C . 17.92 -21.49 11.85
O5 MAN C . 17.42 -18.07 12.64
O6 MAN C . 20.24 -20.18 13.80
H1 MAN C . 18.76 -16.93 11.70
H2 MAN C . 17.02 -17.69 9.50
H3 MAN C . 16.35 -19.62 10.84
H4 MAN C . 19.35 -20.10 11.23
H5 MAN C . 17.62 -19.93 13.62
H61 MAN C . 19.35 -18.38 14.43
H62 MAN C . 20.07 -18.33 12.81
HO2 MAN C . 19.72 -18.33 10.26
HO3 MAN C . 16.56 -20.30 8.88
HO4 MAN C . 18.35 -22.02 11.16
HO6 MAN C . 21.19 -19.97 13.74
C1 FUC C . 20.89 -11.34 7.69
C2 FUC C . 22.17 -11.84 8.42
C3 FUC C . 21.98 -13.24 9.03
C4 FUC C . 21.39 -14.18 7.99
C5 FUC C . 20.06 -13.63 7.52
C6 FUC C . 19.38 -14.51 6.49
O2 FUC C . 22.61 -10.94 9.41
O3 FUC C . 23.25 -13.75 9.43
O4 FUC C . 22.26 -14.29 6.88
O5 FUC C . 20.25 -12.32 6.91
H1 FUC C . 21.13 -10.53 6.99
H2 FUC C . 22.96 -11.90 7.67
H3 FUC C . 21.29 -13.17 9.88
H4 FUC C . 21.21 -15.16 8.46
H5 FUC C . 19.43 -13.51 8.41
H61 FUC C . 18.43 -14.06 6.17
H62 FUC C . 19.19 -15.50 6.91
H63 FUC C . 20.02 -14.62 5.60
HO2 FUC C . 22.13 -11.19 10.23
HO3 FUC C . 23.77 -13.84 8.61
HO4 FUC C . 22.16 -13.46 6.40
C1 FUC C . 14.45 -9.40 11.56
C2 FUC C . 14.82 -9.91 12.96
C3 FUC C . 15.60 -8.84 13.72
C4 FUC C . 14.83 -7.53 13.74
C5 FUC C . 14.48 -7.11 12.30
C6 FUC C . 13.58 -5.90 12.23
O2 FUC C . 15.53 -11.13 12.91
O3 FUC C . 15.78 -9.24 15.07
O4 FUC C . 13.64 -7.67 14.49
O5 FUC C . 13.80 -8.15 11.60
H1 FUC C . 13.74 -10.08 11.08
H2 FUC C . 13.89 -10.09 13.50
H3 FUC C . 16.58 -8.68 13.24
H4 FUC C . 15.47 -6.74 14.17
H5 FUC C . 15.44 -6.90 11.78
H61 FUC C . 13.36 -5.65 11.19
H62 FUC C . 14.06 -5.05 12.71
H63 FUC C . 12.64 -6.11 12.76
HO2 FUC C . 16.47 -10.89 12.78
HO3 FUC C . 14.89 -9.27 15.46
HO4 FUC C . 13.07 -8.22 13.94
C1 NAG D . 19.97 -7.65 -8.58
C2 NAG D . 20.13 -6.20 -8.15
C3 NAG D . 20.92 -5.43 -9.21
C4 NAG D . 22.25 -6.13 -9.48
C5 NAG D . 21.97 -7.58 -9.88
C6 NAG D . 23.23 -8.38 -10.13
C7 NAG D . 18.48 -4.93 -6.83
C8 NAG D . 17.11 -4.35 -6.81
N2 NAG D . 18.83 -5.58 -7.94
O3 NAG D . 21.11 -4.08 -8.79
O4 NAG D . 22.95 -5.49 -10.54
O5 NAG D . 21.26 -8.22 -8.81
O6 NAG D . 24.17 -8.24 -9.08
O7 NAG D . 19.24 -4.82 -5.87
H1 NAG D . 19.45 -7.69 -9.40
H2 NAG D . 20.64 -6.17 -7.32
H3 NAG D . 20.40 -5.43 -10.04
H4 NAG D . 22.79 -6.11 -8.67
H5 NAG D . 21.42 -7.59 -10.69
H61 NAG D . 23.64 -8.07 -10.96
H62 NAG D . 22.99 -9.32 -10.22
H81 NAG D . 16.45 -5.06 -6.96
H82 NAG D . 17.02 -3.68 -7.51
H83 NAG D . 16.93 -3.94 -5.94
HN2 NAG D . 18.22 -5.62 -8.62
C1 NAG D . 24.31 -5.12 -10.00
C2 NAG D . 24.95 -4.76 -11.35
C3 NAG D . 26.33 -4.16 -11.14
C4 NAG D . 26.30 -3.04 -10.10
C5 NAG D . 25.57 -3.47 -8.83
C6 NAG D . 25.38 -2.33 -7.85
C7 NAG D . 24.45 -6.03 -13.40
C8 NAG D . 24.67 -7.32 -14.14
N2 NAG D . 25.04 -5.93 -12.20
O3 NAG D . 26.80 -3.66 -12.38
O4 NAG D . 27.64 -2.68 -9.75
O5 NAG D . 24.27 -3.97 -9.17
O6 NAG D . 24.63 -2.74 -6.73
O7 NAG D . 23.77 -5.12 -13.86
H1 NAG D . 24.85 -5.81 -9.57
H2 NAG D . 24.39 -4.10 -11.79
H3 NAG D . 26.95 -4.85 -10.83
H4 NAG D . 25.86 -2.26 -10.49
H5 NAG D . 26.09 -4.18 -8.40
H61 NAG D . 24.91 -1.61 -8.30
H62 NAG D . 26.25 -2.01 -7.56
H81 NAG D . 25.62 -7.44 -14.32
H82 NAG D . 24.17 -7.31 -14.97
H83 NAG D . 24.36 -8.06 -13.58
HN2 NAG D . 25.54 -6.65 -11.91
HO3 NAG D . 27.66 -3.85 -12.48
HO6 NAG D . 24.93 -2.34 -6.00
C1 MAN D . 29.23 -2.46 -10.14
C2 MAN D . 29.43 -1.47 -8.94
C3 MAN D . 30.17 -0.18 -9.35
C4 MAN D . 30.78 -0.33 -10.73
C5 MAN D . 29.67 -0.62 -11.75
C6 MAN D . 30.18 -0.74 -13.17
O2 MAN D . 30.25 -2.07 -7.93
O3 MAN D . 31.19 0.21 -8.41
O4 MAN D . 31.43 0.88 -11.09
O5 MAN D . 29.01 -1.88 -11.43
O6 MAN D . 30.96 0.44 -13.47
H1 MAN D . 30.15 -3.06 -10.28
H2 MAN D . 28.45 -1.21 -8.54
H3 MAN D . 29.45 0.64 -9.38
H4 MAN D . 31.49 -1.18 -10.73
H5 MAN D . 28.94 0.20 -11.72
H61 MAN D . 29.32 -0.83 -13.85
H62 MAN D . 30.78 -1.65 -13.24
HO2 MAN D . 29.67 -2.43 -7.24
HO3 MAN D . 30.77 0.89 -7.86
HO4 MAN D . 32.37 0.74 -10.87
HO6 MAN D . 31.02 0.51 -14.43
C1 FUC D . 20.12 -3.28 -9.63
C2 FUC D . 20.25 -1.92 -8.93
C3 FUC D . 21.63 -1.30 -9.24
C4 FUC D . 21.81 -1.21 -10.76
C5 FUC D . 21.64 -2.60 -11.37
C6 FUC D . 21.70 -2.60 -12.88
O2 FUC D . 20.06 -2.02 -7.53
O3 FUC D . 21.74 0.03 -8.69
O4 FUC D . 20.85 -0.36 -11.35
O5 FUC D . 20.36 -3.17 -11.00
H1 FUC D . 19.09 -3.66 -9.54
H2 FUC D . 19.48 -1.25 -9.31
H3 FUC D . 22.42 -1.94 -8.82
H4 FUC D . 22.84 -0.87 -11.00
H5 FUC D . 22.43 -3.23 -10.96
H61 FUC D . 21.55 -3.61 -13.27
H62 FUC D . 22.66 -2.21 -13.21
H63 FUC D . 20.90 -1.96 -13.29
HO2 FUC D . 20.87 -2.41 -7.17
HO3 FUC D . 22.21 -0.07 -7.86
HO4 FUC D . 20.86 0.44 -10.81
C1 FUC D . 24.30 -9.28 -8.06
C2 FUC D . 25.77 -9.31 -7.72
C3 FUC D . 26.24 -7.91 -7.31
C4 FUC D . 25.19 -7.18 -6.44
C5 FUC D . 24.03 -8.11 -5.94
C6 FUC D . 24.39 -8.95 -4.73
O2 FUC D . 26.56 -9.83 -8.80
O3 FUC D . 27.45 -8.01 -6.55
O4 FUC D . 25.83 -6.57 -5.32
O5 FUC D . 23.51 -9.04 -6.93
H1 FUC D . 23.96 -10.26 -8.44
H2 FUC D . 25.92 -9.99 -6.88
H3 FUC D . 26.43 -7.33 -8.22
H4 FUC D . 24.72 -6.40 -7.07
H5 FUC D . 23.20 -7.43 -5.67
H61 FUC D . 23.55 -9.58 -4.45
H62 FUC D . 24.66 -8.30 -3.89
H63 FUC D . 25.24 -9.60 -4.96
HO2 FUC D . 26.53 -10.80 -8.72
HO3 FUC D . 28.17 -7.95 -7.19
HO4 FUC D . 25.45 -5.67 -5.27
NA NA E . 0.85 -1.66 -0.92
NA NA F . -10.92 12.55 -1.68
#